data_2QN6
#
_entry.id   2QN6
#
_cell.length_a   122.119
_cell.length_b   51.851
_cell.length_c   98.032
_cell.angle_alpha   90.00
_cell.angle_beta   94.42
_cell.angle_gamma   90.00
#
_symmetry.space_group_name_H-M   'C 1 2 1'
#
loop_
_entity.id
_entity.type
_entity.pdbx_description
1 polymer 'Translation initiation factor 2 gamma subunit'
2 polymer 'Translation initiation factor 2 alpha subunit'
3 polymer 'Translation initiation factor 2 beta subunit'
4 non-polymer 'MAGNESIUM ION'
5 non-polymer "GUANOSINE-5'-DIPHOSPHATE"
6 water water
#
loop_
_entity_poly.entity_id
_entity_poly.type
_entity_poly.pdbx_seq_one_letter_code
_entity_poly.pdbx_strand_id
1 'polypeptide(L)'
;AWPKVQPEVNIGVVGHVDHGKTTLVQAITGIWTSKHSEELKRGMTIKLGYAETNIGVCESCKKPEAYVTEPSCKSCGSDD
EPKFLRRISFIDAPGHEVLMATMLSGAALMDGAILVVAANEPFPQPQTREHFVALGIIGVKNLIIVQNKVDVVSKEEALS
QYRQIKQFTKGTWAENVPIIPVSALHKINIDSLIEGIEEYIKTPYRDLSQKPVMLVIRSFDVNKPGTQFNELKGGVIGGS
IIQGLFKVDQEIKVLPGLRVEKQGKVSYEPIFTKISSIRFGDEEFKEAKPGGLVAIGTYLDPSLTKADNLLGSIITLADA
EVPVLWNIRIKYNLLERVVGAKEMLKVDPIRAKETLMLSVGSSTTLGIVTSVKKDEIEVELRRPVAVWSNNIRTVISRQI
AGRWRMIGWGLVEI
;
A
2 'polypeptide(L)'
;MRKVKMSGLITVRTNEPLGVEKIKEVISKALENIEQDYESLLNIKIYTIGAPRYRVDVVGTNPKEASEALNQIISNLIKI
GKEENVDISVVKK
;
B
3 'polypeptide(L)' SSEKEYVEMLDRLYSKLP C
#
loop_
_chem_comp.id
_chem_comp.type
_chem_comp.name
_chem_comp.formula
GDP RNA linking GUANOSINE-5'-DIPHOSPHATE 'C10 H15 N5 O11 P2'
MG non-polymer 'MAGNESIUM ION' 'Mg 2'
#
# COMPACT_ATOMS: atom_id res chain seq x y z
N ALA A 1 -16.40 -20.91 11.97
CA ALA A 1 -16.04 -22.00 11.01
C ALA A 1 -15.53 -21.38 9.72
N TRP A 2 -15.64 -20.06 9.63
CA TRP A 2 -15.21 -19.33 8.45
C TRP A 2 -13.74 -19.56 8.14
N PRO A 3 -13.40 -19.61 6.84
CA PRO A 3 -12.02 -19.84 6.40
C PRO A 3 -11.20 -18.57 6.52
N LYS A 4 -9.88 -18.72 6.53
CA LYS A 4 -8.97 -17.58 6.57
C LYS A 4 -8.51 -17.35 5.14
N VAL A 5 -9.01 -16.30 4.51
CA VAL A 5 -8.66 -16.00 3.13
C VAL A 5 -8.23 -14.53 2.99
N GLN A 6 -7.50 -14.22 1.92
CA GLN A 6 -7.04 -12.85 1.68
C GLN A 6 -8.24 -12.02 1.22
N PRO A 7 -8.19 -10.69 1.43
CA PRO A 7 -9.33 -9.88 0.98
C PRO A 7 -9.36 -10.05 -0.53
N GLU A 8 -10.54 -10.07 -1.13
CA GLU A 8 -10.62 -10.26 -2.57
C GLU A 8 -11.06 -9.00 -3.30
N VAL A 9 -11.38 -7.94 -2.56
CA VAL A 9 -11.83 -6.69 -3.17
C VAL A 9 -11.42 -5.45 -2.37
N ASN A 10 -11.23 -4.34 -3.08
CA ASN A 10 -10.86 -3.08 -2.44
C ASN A 10 -11.98 -2.06 -2.59
N ILE A 11 -12.43 -1.53 -1.46
CA ILE A 11 -13.49 -0.53 -1.48
C ILE A 11 -12.98 0.79 -0.92
N GLY A 12 -13.03 1.84 -1.74
CA GLY A 12 -12.57 3.13 -1.31
C GLY A 12 -13.65 3.87 -0.53
N VAL A 13 -13.24 4.61 0.49
CA VAL A 13 -14.19 5.38 1.28
C VAL A 13 -13.83 6.85 1.11
N VAL A 14 -14.71 7.60 0.46
CA VAL A 14 -14.48 9.00 0.21
C VAL A 14 -15.57 9.91 0.78
N GLY A 15 -15.42 11.21 0.56
CA GLY A 15 -16.37 12.18 1.07
C GLY A 15 -15.64 13.28 1.84
N HIS A 16 -16.29 14.42 1.99
CA HIS A 16 -15.70 15.56 2.68
C HIS A 16 -15.23 15.20 4.09
N VAL A 17 -14.14 15.84 4.53
CA VAL A 17 -13.58 15.59 5.85
C VAL A 17 -14.58 15.85 6.96
N ASP A 18 -14.52 15.02 8.01
CA ASP A 18 -15.40 15.09 9.16
C ASP A 18 -16.81 14.53 8.96
N HIS A 19 -17.09 13.96 7.79
CA HIS A 19 -18.42 13.41 7.54
C HIS A 19 -18.67 12.01 8.09
N GLY A 20 -17.65 11.39 8.68
CA GLY A 20 -17.83 10.07 9.26
C GLY A 20 -17.23 8.84 8.57
N LYS A 21 -16.28 9.05 7.65
CA LYS A 21 -15.67 7.94 6.93
C LYS A 21 -14.93 6.95 7.84
N THR A 22 -14.10 7.45 8.75
CA THR A 22 -13.38 6.55 9.63
C THR A 22 -14.31 5.82 10.61
N THR A 23 -15.26 6.56 11.17
CA THR A 23 -16.19 5.94 12.10
C THR A 23 -16.93 4.85 11.34
N LEU A 24 -17.40 5.19 10.13
CA LEU A 24 -18.13 4.24 9.30
C LEU A 24 -17.31 2.96 9.13
N VAL A 25 -16.06 3.09 8.69
CA VAL A 25 -15.20 1.94 8.52
C VAL A 25 -15.12 1.15 9.83
N GLN A 26 -14.98 1.86 10.94
CA GLN A 26 -14.90 1.20 12.23
C GLN A 26 -16.21 0.51 12.58
N ALA A 27 -17.32 1.09 12.16
CA ALA A 27 -18.64 0.49 12.43
C ALA A 27 -18.80 -0.78 11.61
N ILE A 28 -18.17 -0.83 10.44
CA ILE A 28 -18.25 -2.00 9.56
C ILE A 28 -17.27 -3.10 9.97
N THR A 29 -15.99 -2.73 10.07
CA THR A 29 -14.95 -3.67 10.42
C THR A 29 -14.68 -3.85 11.91
N GLY A 30 -15.04 -2.84 12.71
CA GLY A 30 -14.77 -2.91 14.13
C GLY A 30 -13.32 -2.49 14.33
N ILE A 31 -12.76 -1.87 13.29
CA ILE A 31 -11.37 -1.42 13.29
C ILE A 31 -11.27 0.09 13.10
N TRP A 32 -10.41 0.74 13.89
CA TRP A 32 -10.21 2.18 13.77
C TRP A 32 -9.03 2.51 12.87
N THR A 33 -9.25 3.44 11.95
CA THR A 33 -8.23 3.84 11.00
C THR A 33 -7.46 5.08 11.47
N LEU A 48 -2.36 6.18 4.51
CA LEU A 48 -3.35 5.21 4.09
C LEU A 48 -3.91 4.37 5.22
N GLY A 49 -5.20 4.56 5.52
CA GLY A 49 -5.83 3.77 6.55
C GLY A 49 -6.30 2.51 5.86
N TYR A 50 -6.32 1.39 6.57
CA TYR A 50 -6.72 0.16 5.93
C TYR A 50 -7.28 -0.84 6.92
N ALA A 51 -8.48 -1.33 6.64
CA ALA A 51 -9.12 -2.30 7.51
C ALA A 51 -9.73 -3.40 6.67
N GLU A 52 -9.77 -4.61 7.22
CA GLU A 52 -10.33 -5.75 6.55
C GLU A 52 -11.50 -6.29 7.36
N THR A 53 -12.35 -7.09 6.72
CA THR A 53 -13.46 -7.73 7.40
C THR A 53 -14.10 -8.82 6.55
N ASN A 54 -14.46 -9.91 7.22
CA ASN A 54 -15.14 -11.02 6.58
C ASN A 54 -16.61 -10.59 6.46
N ILE A 55 -17.35 -11.22 5.54
CA ILE A 55 -18.76 -10.92 5.32
C ILE A 55 -19.55 -12.23 5.18
N GLY A 56 -20.59 -12.36 5.99
CA GLY A 56 -21.41 -13.57 5.95
C GLY A 56 -22.91 -13.26 5.89
N VAL A 57 -23.71 -14.31 5.74
CA VAL A 57 -25.15 -14.13 5.68
C VAL A 57 -25.89 -15.28 6.34
N CYS A 58 -26.81 -14.94 7.25
CA CYS A 58 -27.63 -15.91 7.98
C CYS A 58 -28.77 -16.39 7.10
N GLU A 59 -28.55 -17.52 6.43
CA GLU A 59 -29.52 -18.10 5.51
C GLU A 59 -30.94 -18.28 6.05
N SER A 60 -31.08 -18.31 7.37
CA SER A 60 -32.40 -18.49 7.96
C SER A 60 -33.10 -17.14 8.16
N CYS A 61 -32.33 -16.15 8.60
CA CYS A 61 -32.87 -14.83 8.90
C CYS A 61 -33.33 -14.01 7.69
N LYS A 62 -33.78 -12.80 8.00
CA LYS A 62 -34.29 -11.85 7.01
C LYS A 62 -33.31 -10.68 6.87
N LYS A 63 -33.37 -10.00 5.73
CA LYS A 63 -32.47 -8.88 5.46
C LYS A 63 -33.02 -7.58 6.00
N PRO A 64 -32.13 -6.60 6.29
CA PRO A 64 -30.67 -6.62 6.13
C PRO A 64 -29.95 -7.40 7.24
N GLU A 65 -30.58 -7.46 8.41
CA GLU A 65 -30.04 -8.12 9.60
C GLU A 65 -29.31 -9.45 9.36
N ALA A 66 -29.69 -10.18 8.32
CA ALA A 66 -29.05 -11.47 8.03
C ALA A 66 -27.56 -11.38 7.71
N TYR A 67 -27.11 -10.19 7.29
CA TYR A 67 -25.69 -10.01 6.96
C TYR A 67 -24.88 -9.68 8.19
N VAL A 68 -23.77 -10.39 8.35
CA VAL A 68 -22.92 -10.20 9.51
C VAL A 68 -21.43 -10.12 9.17
N THR A 69 -20.63 -9.71 10.16
CA THR A 69 -19.19 -9.58 9.98
C THR A 69 -18.42 -10.59 10.82
N GLU A 70 -19.14 -11.53 11.42
CA GLU A 70 -18.53 -12.56 12.24
C GLU A 70 -19.42 -13.80 12.32
N PRO A 71 -18.82 -14.98 12.54
CA PRO A 71 -19.48 -16.29 12.64
C PRO A 71 -20.59 -16.42 13.70
N SER A 72 -21.61 -15.58 13.60
CA SER A 72 -22.71 -15.61 14.57
C SER A 72 -24.01 -15.05 14.00
N CYS A 73 -25.11 -15.77 14.23
CA CYS A 73 -26.42 -15.33 13.74
C CYS A 73 -27.32 -14.91 14.90
N LYS A 74 -26.73 -14.67 16.06
CA LYS A 74 -27.51 -14.27 17.22
C LYS A 74 -27.98 -12.83 17.05
N SER A 75 -27.17 -12.04 16.36
CA SER A 75 -27.48 -10.64 16.11
C SER A 75 -28.84 -10.44 15.43
N CYS A 76 -29.39 -11.52 14.88
CA CYS A 76 -30.69 -11.45 14.21
C CYS A 76 -31.62 -12.61 14.56
N GLY A 77 -31.42 -13.19 15.75
CA GLY A 77 -32.26 -14.28 16.21
C GLY A 77 -32.16 -15.61 15.48
N SER A 78 -30.97 -16.22 15.52
CA SER A 78 -30.74 -17.51 14.89
C SER A 78 -29.48 -18.12 15.48
N ASP A 79 -29.39 -19.44 15.39
CA ASP A 79 -28.24 -20.14 15.93
C ASP A 79 -27.48 -20.94 14.88
N ASP A 80 -27.89 -20.77 13.63
CA ASP A 80 -27.25 -21.46 12.52
C ASP A 80 -25.89 -20.79 12.24
N GLU A 81 -24.97 -21.55 11.66
CA GLU A 81 -23.65 -21.00 11.30
C GLU A 81 -23.93 -20.14 10.06
N PRO A 82 -23.57 -18.84 10.10
CA PRO A 82 -23.84 -18.05 8.90
C PRO A 82 -22.97 -18.51 7.74
N LYS A 83 -23.42 -18.27 6.51
CA LYS A 83 -22.65 -18.66 5.34
C LYS A 83 -21.59 -17.61 5.01
N PHE A 84 -20.34 -18.05 4.89
CA PHE A 84 -19.26 -17.14 4.56
C PHE A 84 -19.43 -16.66 3.12
N LEU A 85 -19.25 -15.36 2.89
CA LEU A 85 -19.38 -14.82 1.54
C LEU A 85 -18.02 -14.48 0.97
N ARG A 86 -17.35 -13.52 1.59
CA ARG A 86 -16.03 -13.11 1.15
C ARG A 86 -15.40 -12.18 2.17
N ARG A 87 -14.12 -11.87 1.95
CA ARG A 87 -13.42 -10.96 2.83
C ARG A 87 -13.09 -9.72 2.00
N ILE A 88 -13.41 -8.57 2.56
CA ILE A 88 -13.20 -7.30 1.88
C ILE A 88 -12.29 -6.39 2.70
N SER A 89 -11.69 -5.42 2.04
CA SER A 89 -10.82 -4.48 2.72
C SER A 89 -11.27 -3.07 2.30
N PHE A 90 -11.01 -2.08 3.15
CA PHE A 90 -11.40 -0.71 2.86
C PHE A 90 -10.21 0.21 2.78
N ILE A 91 -10.34 1.25 1.96
CA ILE A 91 -9.29 2.25 1.81
C ILE A 91 -9.86 3.53 2.41
N ASP A 92 -9.19 4.05 3.43
CA ASP A 92 -9.62 5.27 4.12
C ASP A 92 -8.41 6.07 4.59
N ALA A 93 -8.29 7.30 4.12
CA ALA A 93 -7.18 8.13 4.54
C ALA A 93 -7.69 9.33 5.34
N PRO A 94 -6.83 9.88 6.22
CA PRO A 94 -7.21 11.03 7.04
C PRO A 94 -7.10 12.33 6.24
N GLY A 95 -6.19 12.34 5.27
CA GLY A 95 -6.00 13.52 4.46
C GLY A 95 -6.94 13.53 3.26
N HIS A 96 -7.37 14.73 2.87
CA HIS A 96 -8.26 14.88 1.72
C HIS A 96 -7.46 14.74 0.44
N GLU A 97 -6.29 15.36 0.40
CA GLU A 97 -5.45 15.31 -0.79
C GLU A 97 -4.73 13.97 -0.94
N VAL A 98 -4.45 13.28 0.16
CA VAL A 98 -3.79 11.98 0.03
C VAL A 98 -4.75 11.05 -0.72
N LEU A 99 -6.01 11.03 -0.28
CA LEU A 99 -7.02 10.19 -0.94
C LEU A 99 -7.13 10.54 -2.42
N MET A 100 -7.08 11.83 -2.73
CA MET A 100 -7.17 12.29 -4.11
C MET A 100 -5.96 11.77 -4.90
N ALA A 101 -4.77 11.87 -4.30
CA ALA A 101 -3.54 11.40 -4.93
C ALA A 101 -3.56 9.88 -5.12
N THR A 102 -4.11 9.17 -4.13
CA THR A 102 -4.22 7.72 -4.14
C THR A 102 -4.93 7.18 -5.38
N MET A 103 -6.20 7.56 -5.54
CA MET A 103 -6.98 7.07 -6.67
C MET A 103 -6.60 7.68 -8.02
N LEU A 104 -6.18 8.95 -8.02
CA LEU A 104 -5.79 9.60 -9.25
C LEU A 104 -4.47 9.04 -9.82
N SER A 105 -3.63 8.48 -8.94
CA SER A 105 -2.34 7.91 -9.37
C SER A 105 -2.45 6.40 -9.52
N GLY A 106 -3.48 5.82 -8.91
CA GLY A 106 -3.68 4.39 -8.97
C GLY A 106 -2.77 3.60 -8.05
N ALA A 107 -2.21 4.29 -7.05
CA ALA A 107 -1.31 3.65 -6.10
C ALA A 107 -2.04 2.53 -5.38
N ALA A 108 -3.32 2.74 -5.09
CA ALA A 108 -4.11 1.74 -4.39
C ALA A 108 -5.28 1.29 -5.26
N LEU A 109 -5.35 -0.02 -5.48
CA LEU A 109 -6.43 -0.60 -6.27
C LEU A 109 -7.77 -0.36 -5.60
N MET A 110 -8.76 0.06 -6.39
CA MET A 110 -10.12 0.29 -5.89
C MET A 110 -11.04 -0.40 -6.87
N ASP A 111 -11.87 -1.31 -6.38
CA ASP A 111 -12.79 -2.01 -7.25
C ASP A 111 -14.17 -1.38 -7.10
N GLY A 112 -14.30 -0.56 -6.07
CA GLY A 112 -15.55 0.12 -5.82
C GLY A 112 -15.35 1.24 -4.82
N ALA A 113 -16.41 1.95 -4.47
CA ALA A 113 -16.28 3.03 -3.52
C ALA A 113 -17.57 3.37 -2.80
N ILE A 114 -17.41 3.94 -1.61
CA ILE A 114 -18.53 4.39 -0.80
C ILE A 114 -18.32 5.89 -0.55
N LEU A 115 -19.22 6.69 -1.11
CA LEU A 115 -19.15 8.15 -0.96
C LEU A 115 -19.96 8.52 0.27
N VAL A 116 -19.26 9.02 1.29
CA VAL A 116 -19.92 9.39 2.55
C VAL A 116 -20.44 10.83 2.55
N VAL A 117 -21.72 10.98 2.85
CA VAL A 117 -22.35 12.30 2.90
C VAL A 117 -23.02 12.53 4.25
N ALA A 118 -22.60 13.58 4.95
CA ALA A 118 -23.18 13.92 6.25
C ALA A 118 -24.51 14.62 6.04
N ALA A 119 -25.60 13.99 6.50
CA ALA A 119 -26.93 14.56 6.36
C ALA A 119 -26.94 15.88 7.11
N ASN A 120 -25.93 16.05 7.96
CA ASN A 120 -25.75 17.23 8.78
C ASN A 120 -25.61 18.53 7.98
N GLU A 121 -24.58 18.59 7.13
CA GLU A 121 -24.31 19.79 6.32
C GLU A 121 -24.90 19.71 4.91
N PRO A 122 -24.80 20.81 4.13
CA PRO A 122 -25.34 20.85 2.76
C PRO A 122 -24.56 20.04 1.74
N PHE A 123 -25.28 19.46 0.78
CA PHE A 123 -24.69 18.65 -0.27
C PHE A 123 -24.71 19.38 -1.62
N PRO A 124 -23.59 19.34 -2.36
CA PRO A 124 -22.35 18.67 -1.96
C PRO A 124 -21.33 19.67 -1.46
N GLN A 125 -20.49 19.24 -0.53
CA GLN A 125 -19.45 20.10 0.01
C GLN A 125 -18.31 20.15 -1.02
N PRO A 126 -17.33 21.03 -0.81
CA PRO A 126 -16.19 21.17 -1.73
C PRO A 126 -15.41 19.88 -2.03
N GLN A 127 -14.93 19.21 -0.99
CA GLN A 127 -14.18 17.96 -1.17
C GLN A 127 -15.03 16.85 -1.74
N THR A 128 -16.23 16.69 -1.21
CA THR A 128 -17.15 15.66 -1.69
C THR A 128 -17.30 15.82 -3.20
N ARG A 129 -17.16 17.05 -3.66
CA ARG A 129 -17.29 17.36 -5.07
C ARG A 129 -16.11 16.84 -5.89
N GLU A 130 -14.90 17.13 -5.41
CA GLU A 130 -13.69 16.68 -6.09
C GLU A 130 -13.64 15.15 -6.14
N HIS A 131 -14.09 14.52 -5.05
CA HIS A 131 -14.09 13.07 -4.95
C HIS A 131 -14.95 12.42 -6.02
N PHE A 132 -16.09 13.03 -6.32
CA PHE A 132 -17.01 12.51 -7.33
C PHE A 132 -16.41 12.59 -8.74
N VAL A 133 -15.69 13.67 -9.03
CA VAL A 133 -15.08 13.85 -10.34
C VAL A 133 -13.93 12.86 -10.51
N ALA A 134 -13.30 12.52 -9.38
CA ALA A 134 -12.18 11.60 -9.39
C ALA A 134 -12.65 10.18 -9.72
N LEU A 135 -13.66 9.70 -9.01
CA LEU A 135 -14.20 8.37 -9.25
C LEU A 135 -14.62 8.26 -10.71
N GLY A 136 -15.07 9.37 -11.28
CA GLY A 136 -15.46 9.37 -12.67
C GLY A 136 -14.23 9.24 -13.54
N ILE A 137 -13.19 9.98 -13.17
CA ILE A 137 -11.92 9.96 -13.88
C ILE A 137 -11.30 8.57 -13.93
N ILE A 138 -11.26 7.89 -12.79
CA ILE A 138 -10.65 6.57 -12.74
C ILE A 138 -11.57 5.42 -13.11
N GLY A 139 -12.78 5.76 -13.57
CA GLY A 139 -13.73 4.75 -13.97
C GLY A 139 -14.27 3.78 -12.92
N VAL A 140 -14.32 4.20 -11.67
CA VAL A 140 -14.82 3.35 -10.60
C VAL A 140 -16.34 3.45 -10.60
N LYS A 141 -16.98 2.52 -11.30
CA LYS A 141 -18.43 2.48 -11.46
C LYS A 141 -19.25 2.08 -10.24
N ASN A 142 -18.82 1.02 -9.55
CA ASN A 142 -19.56 0.52 -8.39
C ASN A 142 -19.56 1.44 -7.17
N LEU A 143 -20.49 2.39 -7.16
CA LEU A 143 -20.60 3.35 -6.08
C LEU A 143 -21.85 3.24 -5.20
N ILE A 144 -21.67 3.53 -3.92
CA ILE A 144 -22.77 3.54 -2.96
C ILE A 144 -22.64 4.84 -2.18
N ILE A 145 -23.64 5.69 -2.26
CA ILE A 145 -23.62 6.96 -1.54
C ILE A 145 -24.26 6.71 -0.17
N VAL A 146 -23.50 7.01 0.88
CA VAL A 146 -23.96 6.79 2.24
C VAL A 146 -24.24 8.09 2.99
N GLN A 147 -25.53 8.36 3.22
CA GLN A 147 -25.94 9.55 3.94
C GLN A 147 -25.74 9.22 5.42
N ASN A 148 -24.75 9.87 6.03
CA ASN A 148 -24.39 9.63 7.42
C ASN A 148 -24.82 10.72 8.41
N LYS A 149 -24.73 10.38 9.69
CA LYS A 149 -25.07 11.30 10.76
C LYS A 149 -26.52 11.78 10.62
N VAL A 150 -27.39 10.85 10.24
CA VAL A 150 -28.81 11.17 10.07
C VAL A 150 -29.44 11.33 11.44
N ASP A 151 -28.77 10.78 12.46
CA ASP A 151 -29.26 10.87 13.82
C ASP A 151 -29.40 12.31 14.32
N VAL A 152 -28.61 13.21 13.76
CA VAL A 152 -28.66 14.61 14.17
C VAL A 152 -29.43 15.51 13.21
N VAL A 153 -30.44 14.97 12.53
CA VAL A 153 -31.26 15.75 11.62
C VAL A 153 -32.67 15.18 11.61
N SER A 154 -33.64 15.99 11.20
CA SER A 154 -35.02 15.54 11.16
C SER A 154 -35.25 14.78 9.86
N LYS A 155 -36.15 13.80 9.90
CA LYS A 155 -36.47 13.02 8.72
C LYS A 155 -36.82 13.92 7.54
N GLU A 156 -37.42 15.07 7.86
CA GLU A 156 -37.77 16.01 6.80
C GLU A 156 -36.48 16.48 6.15
N GLU A 157 -35.48 16.77 6.98
CA GLU A 157 -34.18 17.23 6.50
C GLU A 157 -33.46 16.11 5.74
N ALA A 158 -33.48 14.91 6.32
CA ALA A 158 -32.85 13.75 5.71
C ALA A 158 -33.36 13.57 4.29
N LEU A 159 -34.68 13.44 4.16
CA LEU A 159 -35.32 13.25 2.86
C LEU A 159 -35.06 14.38 1.87
N SER A 160 -34.88 15.60 2.38
CA SER A 160 -34.60 16.74 1.52
C SER A 160 -33.29 16.53 0.78
N GLN A 161 -32.22 16.33 1.55
CA GLN A 161 -30.90 16.11 0.97
C GLN A 161 -30.92 14.94 0.00
N TYR A 162 -31.66 13.89 0.35
CA TYR A 162 -31.76 12.74 -0.53
C TYR A 162 -32.09 13.28 -1.91
N ARG A 163 -33.23 13.96 -2.02
CA ARG A 163 -33.65 14.54 -3.29
C ARG A 163 -32.58 15.41 -3.94
N GLN A 164 -31.77 16.10 -3.14
CA GLN A 164 -30.72 16.94 -3.69
C GLN A 164 -29.65 16.06 -4.31
N ILE A 165 -29.31 14.99 -3.61
CA ILE A 165 -28.31 14.05 -4.10
C ILE A 165 -28.77 13.42 -5.40
N LYS A 166 -29.96 12.80 -5.38
CA LYS A 166 -30.51 12.18 -6.58
C LYS A 166 -30.50 13.19 -7.73
N GLN A 167 -30.77 14.45 -7.38
CA GLN A 167 -30.81 15.52 -8.35
C GLN A 167 -29.40 15.76 -8.93
N PHE A 168 -28.40 15.64 -8.08
CA PHE A 168 -27.02 15.84 -8.48
C PHE A 168 -26.51 14.69 -9.35
N THR A 169 -26.93 13.46 -9.02
CA THR A 169 -26.50 12.29 -9.78
C THR A 169 -27.23 12.15 -11.11
N LYS A 170 -28.37 12.84 -11.23
CA LYS A 170 -29.18 12.79 -12.45
C LYS A 170 -28.39 13.25 -13.68
N GLY A 171 -28.45 12.44 -14.74
CA GLY A 171 -27.74 12.79 -15.97
C GLY A 171 -26.28 12.36 -15.96
N THR A 172 -25.87 11.72 -14.88
CA THR A 172 -24.49 11.26 -14.77
C THR A 172 -24.43 9.74 -14.72
N TRP A 173 -23.21 9.21 -14.65
CA TRP A 173 -23.02 7.78 -14.57
C TRP A 173 -23.52 7.28 -13.22
N ALA A 174 -23.55 8.19 -12.24
CA ALA A 174 -24.01 7.83 -10.89
C ALA A 174 -25.52 8.01 -10.73
N GLU A 175 -26.20 8.22 -11.85
CA GLU A 175 -27.65 8.42 -11.84
C GLU A 175 -28.46 7.39 -11.05
N ASN A 176 -28.12 6.11 -11.21
CA ASN A 176 -28.87 5.06 -10.51
C ASN A 176 -28.16 4.50 -9.28
N VAL A 177 -27.12 5.19 -8.82
CA VAL A 177 -26.38 4.75 -7.64
C VAL A 177 -27.28 4.81 -6.41
N PRO A 178 -27.34 3.71 -5.64
CA PRO A 178 -28.17 3.65 -4.42
C PRO A 178 -27.72 4.58 -3.31
N ILE A 179 -28.66 4.95 -2.45
CA ILE A 179 -28.36 5.84 -1.33
C ILE A 179 -28.85 5.18 -0.04
N ILE A 180 -27.92 4.99 0.89
CA ILE A 180 -28.23 4.34 2.15
C ILE A 180 -27.97 5.24 3.35
N PRO A 181 -29.00 5.48 4.16
CA PRO A 181 -28.86 6.33 5.35
C PRO A 181 -28.46 5.45 6.52
N VAL A 182 -27.43 5.86 7.24
CA VAL A 182 -26.97 5.09 8.38
C VAL A 182 -26.51 6.03 9.47
N SER A 183 -26.11 5.47 10.60
CA SER A 183 -25.58 6.25 11.70
C SER A 183 -24.32 5.56 12.17
N ALA A 184 -23.22 5.85 11.50
CA ALA A 184 -21.94 5.25 11.85
C ALA A 184 -21.72 5.29 13.37
N LEU A 185 -21.96 6.46 13.97
CA LEU A 185 -21.79 6.65 15.41
C LEU A 185 -22.56 5.65 16.26
N HIS A 186 -23.84 5.48 15.99
CA HIS A 186 -24.66 4.57 16.77
C HIS A 186 -24.74 3.18 16.12
N LYS A 187 -24.00 3.01 15.04
CA LYS A 187 -23.95 1.75 14.31
C LYS A 187 -25.33 1.27 13.85
N ILE A 188 -26.11 2.16 13.25
CA ILE A 188 -27.45 1.82 12.77
C ILE A 188 -27.55 1.77 11.25
N ASN A 189 -28.14 0.69 10.75
CA ASN A 189 -28.29 0.46 9.33
C ASN A 189 -26.96 0.09 8.69
N ILE A 190 -26.03 -0.34 9.52
CA ILE A 190 -24.73 -0.76 9.04
C ILE A 190 -24.96 -2.06 8.28
N ASP A 191 -25.95 -2.84 8.72
CA ASP A 191 -26.28 -4.10 8.07
C ASP A 191 -26.87 -3.85 6.67
N SER A 192 -27.64 -2.78 6.53
CA SER A 192 -28.22 -2.43 5.25
C SER A 192 -27.10 -2.02 4.30
N LEU A 193 -26.06 -1.39 4.86
CA LEU A 193 -24.93 -0.98 4.05
C LEU A 193 -24.20 -2.23 3.55
N ILE A 194 -24.00 -3.20 4.45
CA ILE A 194 -23.32 -4.43 4.08
C ILE A 194 -24.11 -5.09 2.93
N GLU A 195 -25.42 -5.15 3.08
CA GLU A 195 -26.26 -5.73 2.04
C GLU A 195 -26.01 -4.93 0.76
N GLY A 196 -25.89 -3.62 0.90
CA GLY A 196 -25.64 -2.78 -0.25
C GLY A 196 -24.32 -3.12 -0.92
N ILE A 197 -23.27 -3.29 -0.12
CA ILE A 197 -21.95 -3.61 -0.66
C ILE A 197 -21.98 -4.91 -1.48
N GLU A 198 -22.60 -5.95 -0.92
CA GLU A 198 -22.71 -7.23 -1.60
C GLU A 198 -23.49 -7.13 -2.92
N GLU A 199 -24.42 -6.19 -2.97
CA GLU A 199 -25.25 -5.99 -4.15
C GLU A 199 -24.59 -5.13 -5.22
N TYR A 200 -24.04 -3.99 -4.80
CA TYR A 200 -23.45 -3.04 -5.74
C TYR A 200 -21.95 -3.07 -5.96
N ILE A 201 -21.21 -3.64 -5.03
CA ILE A 201 -19.77 -3.71 -5.20
C ILE A 201 -19.34 -5.17 -5.24
N LYS A 202 -19.71 -5.85 -6.32
CA LYS A 202 -19.33 -7.26 -6.46
C LYS A 202 -17.84 -7.39 -6.78
N THR A 203 -17.26 -8.52 -6.40
CA THR A 203 -15.84 -8.74 -6.66
C THR A 203 -15.64 -8.86 -8.18
N PRO A 204 -14.62 -8.19 -8.71
CA PRO A 204 -14.34 -8.26 -10.15
C PRO A 204 -13.67 -9.55 -10.55
N TYR A 205 -13.76 -9.86 -11.84
CA TYR A 205 -13.09 -11.02 -12.36
C TYR A 205 -11.63 -10.58 -12.40
N ARG A 206 -10.72 -11.50 -12.10
CA ARG A 206 -9.29 -11.20 -12.10
C ARG A 206 -8.62 -12.14 -13.11
N ASP A 207 -7.82 -11.58 -14.01
CA ASP A 207 -7.13 -12.40 -15.01
C ASP A 207 -5.78 -12.80 -14.42
N LEU A 208 -5.74 -13.95 -13.74
CA LEU A 208 -4.51 -14.39 -13.09
C LEU A 208 -3.37 -14.81 -14.01
N SER A 209 -3.53 -14.65 -15.32
CA SER A 209 -2.44 -15.01 -16.22
C SER A 209 -1.60 -13.77 -16.55
N GLN A 210 -2.09 -12.60 -16.21
CA GLN A 210 -1.32 -11.37 -16.47
C GLN A 210 -0.01 -11.46 -15.67
N LYS A 211 1.04 -10.80 -16.14
CA LYS A 211 2.30 -10.84 -15.41
C LYS A 211 2.07 -10.20 -14.06
N PRO A 212 2.63 -10.78 -12.99
CA PRO A 212 2.47 -10.25 -11.63
C PRO A 212 3.11 -8.87 -11.46
N VAL A 213 2.35 -7.93 -10.91
CA VAL A 213 2.84 -6.60 -10.66
C VAL A 213 2.31 -6.11 -9.33
N MET A 214 3.23 -5.66 -8.47
CA MET A 214 2.90 -5.15 -7.17
C MET A 214 3.55 -3.79 -6.98
N LEU A 215 2.78 -2.80 -6.53
CA LEU A 215 3.30 -1.46 -6.30
C LEU A 215 3.80 -1.44 -4.85
N VAL A 216 4.97 -0.89 -4.63
CA VAL A 216 5.50 -0.85 -3.27
C VAL A 216 5.05 0.41 -2.55
N ILE A 217 4.34 0.23 -1.44
CA ILE A 217 3.86 1.37 -0.68
C ILE A 217 4.62 1.50 0.64
N ARG A 218 5.23 0.40 1.09
CA ARG A 218 6.00 0.41 2.33
C ARG A 218 7.14 -0.59 2.20
N SER A 219 8.21 -0.35 2.96
CA SER A 219 9.34 -1.28 3.03
C SER A 219 9.95 -1.10 4.42
N PHE A 220 10.17 -2.22 5.11
CA PHE A 220 10.72 -2.19 6.46
C PHE A 220 11.90 -3.14 6.68
N ASP A 221 12.61 -2.90 7.78
CA ASP A 221 13.68 -3.76 8.24
C ASP A 221 13.08 -4.14 9.59
N VAL A 222 12.63 -5.39 9.71
CA VAL A 222 11.99 -5.84 10.93
C VAL A 222 12.93 -6.41 11.99
N ASN A 223 14.23 -6.34 11.73
CA ASN A 223 15.21 -6.86 12.68
C ASN A 223 15.39 -5.91 13.84
N LYS A 224 15.19 -6.41 15.06
CA LYS A 224 15.39 -5.60 16.26
C LYS A 224 16.90 -5.48 16.41
N PRO A 225 17.39 -4.34 16.93
CA PRO A 225 18.82 -4.15 17.13
C PRO A 225 19.36 -5.25 18.07
N GLY A 226 20.52 -5.80 17.74
CA GLY A 226 21.09 -6.84 18.56
C GLY A 226 20.85 -8.24 18.03
N THR A 227 20.20 -8.33 16.88
CA THR A 227 19.91 -9.64 16.31
C THR A 227 21.18 -10.26 15.76
N GLN A 228 21.47 -11.49 16.19
CA GLN A 228 22.64 -12.22 15.74
C GLN A 228 22.54 -12.37 14.21
N PHE A 229 23.67 -12.26 13.54
CA PHE A 229 23.68 -12.33 12.09
C PHE A 229 22.95 -13.55 11.50
N ASN A 230 23.12 -14.73 12.09
CA ASN A 230 22.43 -15.92 11.54
C ASN A 230 20.92 -15.81 11.61
N GLU A 231 20.41 -14.94 12.47
CA GLU A 231 18.96 -14.77 12.63
C GLU A 231 18.41 -13.62 11.81
N LEU A 232 19.28 -12.90 11.10
CA LEU A 232 18.87 -11.75 10.31
C LEU A 232 17.77 -12.12 9.30
N LYS A 233 16.76 -11.26 9.23
CA LYS A 233 15.65 -11.50 8.34
C LYS A 233 15.74 -10.58 7.13
N GLY A 234 15.25 -11.07 5.98
CA GLY A 234 15.30 -10.27 4.78
C GLY A 234 14.35 -9.09 4.89
N GLY A 235 14.58 -8.07 4.08
CA GLY A 235 13.72 -6.90 4.10
C GLY A 235 12.28 -7.24 3.77
N VAL A 236 11.35 -6.46 4.33
CA VAL A 236 9.93 -6.67 4.10
C VAL A 236 9.36 -5.58 3.21
N ILE A 237 8.52 -5.99 2.26
CA ILE A 237 7.89 -5.06 1.34
C ILE A 237 6.39 -5.06 1.58
N GLY A 238 5.82 -3.87 1.58
CA GLY A 238 4.38 -3.75 1.78
C GLY A 238 3.82 -3.07 0.55
N GLY A 239 2.82 -3.68 -0.07
CA GLY A 239 2.27 -3.03 -1.24
C GLY A 239 0.94 -3.61 -1.68
N SER A 240 0.47 -3.15 -2.82
CA SER A 240 -0.79 -3.63 -3.36
C SER A 240 -0.54 -4.30 -4.71
N ILE A 241 -0.98 -5.55 -4.78
CA ILE A 241 -0.85 -6.33 -5.99
C ILE A 241 -1.90 -5.84 -6.99
N ILE A 242 -1.41 -5.31 -8.09
CA ILE A 242 -2.26 -4.77 -9.14
C ILE A 242 -2.84 -5.83 -10.08
N GLN A 243 -2.07 -6.89 -10.35
CA GLN A 243 -2.52 -7.93 -11.28
C GLN A 243 -1.62 -9.14 -11.15
N GLY A 244 -2.14 -10.30 -11.56
CA GLY A 244 -1.31 -11.49 -11.48
C GLY A 244 -1.34 -12.20 -10.14
N LEU A 245 -0.52 -13.23 -10.04
CA LEU A 245 -0.46 -14.05 -8.84
C LEU A 245 0.98 -14.23 -8.34
N PHE A 246 1.24 -13.72 -7.14
CA PHE A 246 2.56 -13.85 -6.53
C PHE A 246 2.54 -15.08 -5.63
N LYS A 247 3.67 -15.75 -5.53
CA LYS A 247 3.76 -16.95 -4.70
C LYS A 247 5.06 -16.97 -3.92
N VAL A 248 5.05 -17.73 -2.83
CA VAL A 248 6.23 -17.89 -2.02
C VAL A 248 7.22 -18.69 -2.86
N ASP A 249 8.49 -18.30 -2.83
CA ASP A 249 9.56 -18.94 -3.59
C ASP A 249 9.77 -18.40 -5.00
N GLN A 250 8.91 -17.50 -5.46
CA GLN A 250 9.09 -16.93 -6.79
C GLN A 250 10.31 -16.02 -6.80
N GLU A 251 11.01 -15.97 -7.94
CA GLU A 251 12.13 -15.08 -8.08
C GLU A 251 11.52 -13.80 -8.63
N ILE A 252 11.79 -12.67 -7.97
CA ILE A 252 11.24 -11.39 -8.36
C ILE A 252 12.31 -10.32 -8.41
N LYS A 253 11.95 -9.14 -8.91
CA LYS A 253 12.90 -8.02 -8.92
C LYS A 253 12.22 -6.71 -8.60
N VAL A 254 12.98 -5.79 -8.02
CA VAL A 254 12.51 -4.46 -7.66
C VAL A 254 12.95 -3.51 -8.76
N LEU A 255 12.02 -2.71 -9.27
CA LEU A 255 12.29 -1.76 -10.36
C LEU A 255 11.88 -0.35 -9.94
N PRO A 256 12.63 0.68 -10.38
CA PRO A 256 13.83 0.67 -11.23
C PRO A 256 14.98 -0.09 -10.60
N GLY A 257 14.99 -0.11 -9.27
CA GLY A 257 16.02 -0.82 -8.56
C GLY A 257 17.03 0.04 -7.81
N LEU A 258 18.27 -0.43 -7.86
CA LEU A 258 19.40 0.18 -7.20
C LEU A 258 20.09 1.27 -8.02
N ARG A 259 20.21 2.45 -7.43
CA ARG A 259 20.90 3.54 -8.11
C ARG A 259 22.39 3.19 -8.08
N VAL A 260 23.00 3.17 -9.26
CA VAL A 260 24.41 2.82 -9.39
C VAL A 260 25.21 3.93 -10.07
N GLU A 261 26.34 4.29 -9.48
CA GLU A 261 27.18 5.33 -10.05
C GLU A 261 28.54 4.78 -10.47
N LYS A 262 28.80 4.81 -11.74
CA LYS A 262 30.08 4.39 -12.20
C LYS A 262 30.79 5.60 -12.79
N GLN A 263 31.42 6.41 -11.96
CA GLN A 263 32.10 7.60 -12.50
C GLN A 263 31.06 8.55 -13.02
N GLY A 264 31.18 9.05 -14.24
CA GLY A 264 30.23 10.00 -14.76
C GLY A 264 28.82 9.40 -15.03
N LYS A 265 28.70 8.07 -15.22
CA LYS A 265 27.37 7.48 -15.53
C LYS A 265 26.58 6.99 -14.33
N VAL A 266 25.35 7.47 -14.22
CA VAL A 266 24.46 7.09 -13.15
C VAL A 266 23.34 6.28 -13.78
N SER A 267 23.00 5.16 -13.17
CA SER A 267 21.94 4.33 -13.72
C SER A 267 21.21 3.56 -12.62
N TYR A 268 20.16 2.84 -12.99
CA TYR A 268 19.41 2.04 -12.03
C TYR A 268 19.38 0.56 -12.41
N GLU A 269 19.70 -0.28 -11.44
CA GLU A 269 19.73 -1.72 -11.65
C GLU A 269 18.65 -2.47 -10.91
N PRO A 270 17.96 -3.39 -11.60
CA PRO A 270 16.90 -4.17 -10.94
C PRO A 270 17.52 -4.92 -9.76
N ILE A 271 16.81 -4.97 -8.65
CA ILE A 271 17.30 -5.71 -7.49
C ILE A 271 16.56 -7.04 -7.47
N PHE A 272 17.29 -8.12 -7.73
CA PHE A 272 16.72 -9.46 -7.73
C PHE A 272 16.65 -10.04 -6.35
N THR A 273 15.54 -10.72 -6.05
CA THR A 273 15.39 -11.34 -4.76
C THR A 273 14.39 -12.49 -4.88
N LYS A 274 13.90 -12.96 -3.75
CA LYS A 274 12.97 -14.07 -3.74
C LYS A 274 11.95 -13.82 -2.65
N ILE A 275 10.74 -14.34 -2.84
CA ILE A 275 9.69 -14.17 -1.84
C ILE A 275 9.76 -15.30 -0.83
N SER A 276 10.04 -14.96 0.42
CA SER A 276 10.14 -15.94 1.50
C SER A 276 8.84 -16.09 2.28
N SER A 277 7.91 -15.16 2.14
CA SER A 277 6.64 -15.26 2.85
C SER A 277 5.60 -14.27 2.38
N ILE A 278 4.34 -14.65 2.53
CA ILE A 278 3.24 -13.81 2.12
C ILE A 278 2.24 -13.71 3.26
N ARG A 279 1.89 -12.49 3.64
CA ARG A 279 0.98 -12.31 4.76
C ARG A 279 -0.05 -11.19 4.67
N PHE A 280 -1.28 -11.52 5.04
CA PHE A 280 -2.37 -10.55 5.09
C PHE A 280 -2.77 -10.43 6.56
N GLY A 281 -2.46 -9.27 7.15
CA GLY A 281 -2.77 -9.06 8.55
C GLY A 281 -1.87 -9.98 9.36
N ASP A 282 -2.48 -10.87 10.15
CA ASP A 282 -1.70 -11.78 10.95
C ASP A 282 -1.90 -13.19 10.42
N GLU A 283 -2.21 -13.27 9.13
CA GLU A 283 -2.45 -14.55 8.48
C GLU A 283 -1.47 -14.72 7.32
N GLU A 284 -0.88 -15.91 7.21
CA GLU A 284 0.08 -16.19 6.16
C GLU A 284 -0.41 -17.12 5.06
N PHE A 285 0.10 -16.91 3.86
CA PHE A 285 -0.31 -17.69 2.70
C PHE A 285 0.84 -18.10 1.80
N LYS A 286 0.56 -18.99 0.85
CA LYS A 286 1.54 -19.48 -0.10
C LYS A 286 1.44 -18.73 -1.43
N GLU A 287 0.42 -17.90 -1.58
CA GLU A 287 0.23 -17.11 -2.79
C GLU A 287 -0.69 -15.92 -2.56
N ALA A 288 -0.60 -14.91 -3.42
CA ALA A 288 -1.43 -13.73 -3.26
C ALA A 288 -1.94 -13.21 -4.60
N LYS A 289 -3.25 -12.98 -4.70
CA LYS A 289 -3.89 -12.45 -5.90
C LYS A 289 -4.19 -11.00 -5.58
N PRO A 290 -4.75 -10.24 -6.53
CA PRO A 290 -5.07 -8.83 -6.29
C PRO A 290 -6.15 -8.72 -5.20
N GLY A 291 -6.11 -7.64 -4.44
CA GLY A 291 -7.09 -7.49 -3.37
C GLY A 291 -6.38 -7.34 -2.05
N GLY A 292 -6.75 -6.30 -1.30
CA GLY A 292 -6.15 -6.05 0.00
C GLY A 292 -4.72 -5.53 -0.11
N LEU A 293 -4.11 -5.29 1.06
CA LEU A 293 -2.73 -4.83 1.14
C LEU A 293 -1.90 -6.02 1.64
N VAL A 294 -0.79 -6.29 0.98
CA VAL A 294 0.01 -7.45 1.36
C VAL A 294 1.38 -7.14 1.96
N ALA A 295 1.84 -8.06 2.82
CA ALA A 295 3.16 -7.95 3.44
C ALA A 295 3.99 -9.08 2.84
N ILE A 296 5.08 -8.72 2.17
CA ILE A 296 5.93 -9.70 1.53
C ILE A 296 7.32 -9.78 2.15
N GLY A 297 7.71 -10.98 2.59
CA GLY A 297 9.04 -11.14 3.15
C GLY A 297 9.93 -11.51 1.97
N THR A 298 11.17 -11.05 1.98
CA THR A 298 12.12 -11.35 0.90
C THR A 298 13.50 -11.68 1.48
N TYR A 299 14.45 -11.93 0.59
CA TYR A 299 15.83 -12.25 1.00
C TYR A 299 16.71 -11.01 1.00
N LEU A 300 16.14 -9.89 0.55
CA LEU A 300 16.85 -8.61 0.47
C LEU A 300 17.54 -8.14 1.74
N ASP A 301 18.69 -7.53 1.51
CA ASP A 301 19.50 -6.95 2.56
C ASP A 301 18.56 -5.91 3.17
N PRO A 302 18.32 -5.97 4.49
CA PRO A 302 17.43 -5.04 5.20
C PRO A 302 17.83 -3.60 4.94
N SER A 303 19.11 -3.40 4.63
CA SER A 303 19.65 -2.07 4.36
C SER A 303 18.91 -1.39 3.23
N LEU A 304 18.36 -2.19 2.32
CA LEU A 304 17.64 -1.66 1.16
C LEU A 304 16.16 -1.34 1.41
N THR A 305 15.55 -2.00 2.38
CA THR A 305 14.14 -1.79 2.66
C THR A 305 13.79 -0.90 3.86
N LYS A 306 14.73 -0.75 4.77
CA LYS A 306 14.52 0.02 5.97
C LYS A 306 13.92 1.41 5.75
N ALA A 307 13.03 1.80 6.64
CA ALA A 307 12.41 3.12 6.60
C ALA A 307 11.79 3.48 5.24
N ASP A 308 11.00 2.57 4.68
CA ASP A 308 10.32 2.80 3.39
C ASP A 308 11.22 3.29 2.26
N ASN A 309 12.43 2.75 2.19
CA ASN A 309 13.37 3.15 1.14
C ASN A 309 12.98 2.71 -0.27
N LEU A 310 12.11 1.71 -0.39
CA LEU A 310 11.69 1.23 -1.70
C LEU A 310 10.34 1.78 -2.11
N LEU A 311 9.74 2.57 -1.22
CA LEU A 311 8.46 3.19 -1.49
C LEU A 311 8.52 3.79 -2.90
N GLY A 312 7.52 3.51 -3.72
CA GLY A 312 7.51 4.04 -5.08
C GLY A 312 8.02 3.07 -6.14
N SER A 313 8.54 1.93 -5.71
CA SER A 313 9.04 0.92 -6.63
C SER A 313 7.88 -0.02 -6.99
N ILE A 314 8.16 -0.95 -7.88
CA ILE A 314 7.17 -1.96 -8.23
C ILE A 314 7.94 -3.27 -8.18
N ILE A 315 7.22 -4.38 -8.07
CA ILE A 315 7.87 -5.67 -8.06
C ILE A 315 7.20 -6.55 -9.08
N THR A 316 8.00 -7.38 -9.75
CA THR A 316 7.46 -8.29 -10.74
C THR A 316 8.39 -9.46 -10.84
N LEU A 317 8.01 -10.47 -11.63
CA LEU A 317 8.86 -11.63 -11.78
C LEU A 317 10.19 -11.23 -12.39
N ALA A 318 11.25 -11.87 -11.93
CA ALA A 318 12.61 -11.59 -12.39
C ALA A 318 12.74 -11.56 -13.92
N ASP A 319 11.86 -12.25 -14.61
CA ASP A 319 11.95 -12.31 -16.06
C ASP A 319 11.07 -11.34 -16.82
N ALA A 320 10.18 -10.63 -16.12
CA ALA A 320 9.30 -9.69 -16.80
C ALA A 320 10.09 -8.63 -17.54
N GLU A 321 9.62 -8.26 -18.73
CA GLU A 321 10.28 -7.23 -19.53
C GLU A 321 9.55 -5.93 -19.22
N VAL A 322 10.21 -5.05 -18.49
CA VAL A 322 9.59 -3.80 -18.13
C VAL A 322 10.41 -2.58 -18.48
N PRO A 323 9.83 -1.67 -19.26
CA PRO A 323 10.52 -0.45 -19.67
C PRO A 323 10.75 0.42 -18.42
N VAL A 324 11.97 0.94 -18.29
CA VAL A 324 12.36 1.83 -17.20
C VAL A 324 12.88 3.05 -17.94
N LEU A 325 12.08 4.09 -17.96
CA LEU A 325 12.43 5.28 -18.71
C LEU A 325 12.62 6.58 -17.94
N TRP A 326 13.59 7.37 -18.39
CA TRP A 326 13.91 8.68 -17.81
C TRP A 326 12.97 9.74 -18.37
N ASN A 327 12.55 9.55 -19.61
CA ASN A 327 11.67 10.51 -20.27
C ASN A 327 10.37 9.85 -20.68
N ILE A 328 9.26 10.56 -20.50
CA ILE A 328 7.96 10.02 -20.83
C ILE A 328 7.02 11.02 -21.51
N ARG A 329 6.00 10.48 -22.17
CA ARG A 329 4.99 11.27 -22.85
C ARG A 329 3.69 11.07 -22.12
N ILE A 330 3.00 12.16 -21.80
CA ILE A 330 1.76 12.07 -21.06
C ILE A 330 0.57 12.78 -21.71
N LYS A 331 -0.42 12.01 -22.16
CA LYS A 331 -1.62 12.60 -22.72
C LYS A 331 -2.28 13.11 -21.44
N TYR A 332 -2.52 14.41 -21.34
CA TYR A 332 -3.08 14.95 -20.11
C TYR A 332 -4.39 15.71 -20.19
N ASN A 333 -4.88 16.06 -18.99
CA ASN A 333 -6.12 16.79 -18.78
C ASN A 333 -5.93 17.59 -17.50
N LEU A 334 -6.34 18.85 -17.51
CA LEU A 334 -6.24 19.67 -16.30
C LEU A 334 -7.61 19.68 -15.63
N LEU A 335 -7.60 19.75 -14.31
CA LEU A 335 -8.84 19.79 -13.55
C LEU A 335 -9.34 21.23 -13.50
N GLU A 336 -10.59 21.43 -13.09
CA GLU A 336 -11.16 22.77 -13.03
C GLU A 336 -10.68 23.55 -11.81
N ARG A 337 -10.18 22.84 -10.81
CA ARG A 337 -9.69 23.47 -9.59
C ARG A 337 -8.44 22.82 -9.05
N VAL A 338 -7.80 23.48 -8.10
CA VAL A 338 -6.60 22.97 -7.46
C VAL A 338 -7.07 22.26 -6.19
N VAL A 339 -6.78 20.97 -6.09
CA VAL A 339 -7.20 20.18 -4.93
C VAL A 339 -6.78 20.85 -3.63
N VAL A 347 -6.66 27.39 -12.35
CA VAL A 347 -5.86 26.32 -12.94
C VAL A 347 -5.23 26.77 -14.28
N ASP A 348 -4.06 27.40 -14.20
CA ASP A 348 -3.35 27.88 -15.38
C ASP A 348 -2.81 26.73 -16.23
N PRO A 349 -2.68 26.95 -17.54
CA PRO A 349 -2.16 25.92 -18.44
C PRO A 349 -0.74 25.49 -18.10
N ILE A 350 -0.31 24.37 -18.67
CA ILE A 350 1.05 23.88 -18.43
C ILE A 350 1.98 24.42 -19.51
N ARG A 351 3.08 25.03 -19.09
CA ARG A 351 4.04 25.57 -20.04
C ARG A 351 5.41 24.93 -19.93
N ALA A 352 6.13 24.92 -21.06
CA ALA A 352 7.47 24.34 -21.15
C ALA A 352 8.43 24.94 -20.12
N LYS A 353 9.53 24.23 -19.87
CA LYS A 353 10.56 24.67 -18.93
C LYS A 353 10.06 24.66 -17.50
N GLU A 354 8.86 24.12 -17.29
CA GLU A 354 8.25 24.03 -15.97
C GLU A 354 8.62 22.71 -15.28
N THR A 355 8.72 22.74 -13.95
CA THR A 355 9.03 21.55 -13.18
C THR A 355 7.80 21.09 -12.40
N LEU A 356 7.29 19.92 -12.78
CA LEU A 356 6.09 19.38 -12.15
C LEU A 356 6.37 18.07 -11.41
N MET A 357 5.51 17.75 -10.47
CA MET A 357 5.64 16.52 -9.71
C MET A 357 4.71 15.49 -10.34
N LEU A 358 5.27 14.37 -10.77
CA LEU A 358 4.50 13.33 -11.41
C LEU A 358 4.41 12.04 -10.58
N SER A 359 3.18 11.64 -10.26
CA SER A 359 2.98 10.44 -9.48
C SER A 359 2.50 9.27 -10.35
N VAL A 360 3.41 8.31 -10.53
CA VAL A 360 3.13 7.11 -11.31
C VAL A 360 3.11 5.92 -10.35
N GLY A 361 1.92 5.38 -10.11
CA GLY A 361 1.81 4.29 -9.16
C GLY A 361 2.03 4.89 -7.79
N SER A 362 2.94 4.32 -7.01
CA SER A 362 3.24 4.84 -5.68
C SER A 362 4.47 5.73 -5.68
N SER A 363 5.07 5.90 -6.84
CA SER A 363 6.27 6.73 -6.96
C SER A 363 5.87 8.17 -7.27
N THR A 364 6.71 9.11 -6.83
CA THR A 364 6.50 10.52 -7.09
C THR A 364 7.85 11.03 -7.54
N THR A 365 7.88 11.64 -8.73
CA THR A 365 9.12 12.15 -9.31
C THR A 365 8.99 13.54 -9.91
N LEU A 366 10.02 14.36 -9.72
CA LEU A 366 10.01 15.71 -10.29
C LEU A 366 10.48 15.58 -11.73
N GLY A 367 10.18 16.57 -12.54
CA GLY A 367 10.58 16.52 -13.93
C GLY A 367 10.24 17.81 -14.64
N ILE A 368 11.02 18.14 -15.66
CA ILE A 368 10.81 19.36 -16.41
C ILE A 368 10.17 19.04 -17.74
N VAL A 369 9.28 19.92 -18.19
CA VAL A 369 8.57 19.73 -19.44
C VAL A 369 9.39 20.18 -20.63
N THR A 370 9.62 19.25 -21.56
CA THR A 370 10.40 19.56 -22.75
C THR A 370 9.49 20.18 -23.81
N SER A 371 8.43 19.47 -24.15
CA SER A 371 7.49 19.97 -25.15
C SER A 371 6.07 20.05 -24.58
N VAL A 372 5.24 20.84 -25.26
CA VAL A 372 3.85 21.02 -24.86
C VAL A 372 3.10 21.35 -26.13
N LYS A 373 2.63 20.35 -26.86
CA LYS A 373 1.91 20.64 -28.08
C LYS A 373 0.40 20.75 -27.91
N LYS A 374 -0.25 19.67 -27.51
CA LYS A 374 -1.71 19.70 -27.37
C LYS A 374 -2.27 18.45 -26.70
N ASP A 375 -2.84 18.63 -25.52
CA ASP A 375 -3.42 17.51 -24.77
C ASP A 375 -2.33 16.44 -24.60
N GLU A 376 -1.09 16.88 -24.79
CA GLU A 376 0.06 15.99 -24.71
C GLU A 376 1.32 16.76 -24.27
N ILE A 377 2.20 16.09 -23.54
CA ILE A 377 3.44 16.71 -23.08
C ILE A 377 4.57 15.70 -23.03
N GLU A 378 5.78 16.21 -22.82
CA GLU A 378 6.98 15.40 -22.70
C GLU A 378 7.60 15.79 -21.38
N VAL A 379 8.22 14.83 -20.69
CA VAL A 379 8.84 15.17 -19.42
C VAL A 379 10.19 14.49 -19.19
N GLU A 380 11.15 15.31 -18.76
CA GLU A 380 12.48 14.84 -18.44
C GLU A 380 12.42 14.55 -16.95
N LEU A 381 12.45 13.27 -16.59
CA LEU A 381 12.38 12.90 -15.19
C LEU A 381 13.74 12.95 -14.50
N ARG A 382 13.73 13.33 -13.22
CA ARG A 382 14.97 13.38 -12.45
C ARG A 382 15.34 11.94 -12.09
N ARG A 383 14.33 11.09 -11.96
CA ARG A 383 14.51 9.67 -11.66
C ARG A 383 13.63 8.89 -12.62
N PRO A 384 14.13 7.78 -13.18
CA PRO A 384 13.34 6.98 -14.12
C PRO A 384 12.22 6.20 -13.44
N VAL A 385 11.25 5.77 -14.24
CA VAL A 385 10.13 5.01 -13.71
C VAL A 385 9.83 3.80 -14.57
N ALA A 386 9.26 2.78 -13.92
CA ALA A 386 8.91 1.53 -14.59
C ALA A 386 7.47 1.57 -15.09
N VAL A 387 7.30 1.32 -16.38
CA VAL A 387 5.98 1.30 -16.99
C VAL A 387 5.67 -0.14 -17.39
N TRP A 388 5.03 -0.85 -16.46
CA TRP A 388 4.69 -2.25 -16.66
C TRP A 388 3.56 -2.43 -17.67
N SER A 389 3.09 -1.32 -18.22
CA SER A 389 2.00 -1.39 -19.18
C SER A 389 1.76 -0.03 -19.84
N ASN A 390 1.15 -0.04 -21.03
CA ASN A 390 0.87 1.20 -21.70
C ASN A 390 -0.32 1.87 -21.04
N ASN A 391 -0.33 3.18 -21.11
CA ASN A 391 -1.40 3.96 -20.52
C ASN A 391 -1.69 3.71 -19.06
N ILE A 392 -0.68 3.92 -18.20
CA ILE A 392 -0.89 3.78 -16.79
C ILE A 392 -1.16 5.22 -16.36
N ARG A 393 -1.91 5.39 -15.28
CA ARG A 393 -2.27 6.72 -14.81
C ARG A 393 -1.20 7.47 -14.03
N THR A 394 -1.21 8.79 -14.18
CA THR A 394 -0.27 9.64 -13.47
C THR A 394 -0.98 10.90 -13.03
N VAL A 395 -0.65 11.36 -11.83
CA VAL A 395 -1.24 12.57 -11.29
C VAL A 395 -0.22 13.66 -11.58
N ILE A 396 -0.70 14.86 -11.89
CA ILE A 396 0.18 15.97 -12.18
C ILE A 396 -0.01 17.10 -11.18
N SER A 397 1.07 17.49 -10.50
CA SER A 397 0.96 18.55 -9.52
C SER A 397 2.05 19.60 -9.71
N ARG A 398 1.72 20.84 -9.32
CA ARG A 398 2.63 21.96 -9.43
C ARG A 398 2.77 22.67 -8.10
N GLN A 399 3.96 23.21 -7.85
CA GLN A 399 4.26 23.90 -6.61
C GLN A 399 3.64 25.29 -6.57
N ILE A 400 2.70 25.43 -5.66
CA ILE A 400 2.00 26.68 -5.46
C ILE A 400 2.29 27.20 -4.08
N ALA A 401 2.83 28.41 -4.07
CA ALA A 401 3.19 29.13 -2.85
C ALA A 401 4.12 28.32 -1.97
N GLY A 402 4.90 27.44 -2.57
CA GLY A 402 5.83 26.64 -1.78
C GLY A 402 5.40 25.21 -1.55
N ARG A 403 4.13 24.90 -1.82
CA ARG A 403 3.64 23.54 -1.62
C ARG A 403 3.10 22.98 -2.95
N TRP A 404 3.36 21.70 -3.21
CA TRP A 404 2.89 21.07 -4.44
C TRP A 404 1.43 20.70 -4.38
N ARG A 405 0.68 21.14 -5.39
CA ARG A 405 -0.75 20.87 -5.45
C ARG A 405 -1.11 20.20 -6.78
N MET A 406 -2.04 19.25 -6.71
CA MET A 406 -2.50 18.52 -7.90
C MET A 406 -3.31 19.46 -8.79
N ILE A 407 -3.01 19.44 -10.09
CA ILE A 407 -3.69 20.31 -11.05
C ILE A 407 -4.17 19.54 -12.27
N GLY A 408 -3.76 18.27 -12.38
CA GLY A 408 -4.18 17.48 -13.53
C GLY A 408 -3.84 16.01 -13.40
N TRP A 409 -4.18 15.25 -14.44
CA TRP A 409 -3.94 13.82 -14.49
C TRP A 409 -3.72 13.41 -15.95
N GLY A 410 -3.24 12.19 -16.16
CA GLY A 410 -3.02 11.72 -17.52
C GLY A 410 -2.63 10.26 -17.66
N LEU A 411 -2.28 9.86 -18.88
CA LEU A 411 -1.88 8.49 -19.17
C LEU A 411 -0.50 8.48 -19.81
N VAL A 412 0.39 7.67 -19.26
CA VAL A 412 1.75 7.55 -19.80
C VAL A 412 1.65 6.66 -21.00
N GLU A 413 2.20 7.12 -22.13
CA GLU A 413 2.14 6.35 -23.35
C GLU A 413 3.47 5.75 -23.79
N ILE A 414 3.51 4.42 -23.88
CA ILE A 414 4.72 3.71 -24.31
C ILE A 414 4.56 3.46 -25.80
N LYS B 3 38.59 -11.20 31.95
CA LYS B 3 38.16 -11.22 30.52
C LYS B 3 38.35 -9.86 29.88
N VAL B 4 38.50 -9.85 28.55
CA VAL B 4 38.69 -8.62 27.80
C VAL B 4 37.73 -8.62 26.61
N LYS B 5 37.20 -7.46 26.27
CA LYS B 5 36.29 -7.35 25.13
C LYS B 5 36.73 -6.32 24.10
N MET B 6 37.00 -6.79 22.89
CA MET B 6 37.39 -5.91 21.81
C MET B 6 36.21 -5.88 20.85
N SER B 7 35.73 -4.69 20.50
CA SER B 7 34.62 -4.60 19.58
C SER B 7 34.98 -3.72 18.38
N GLY B 8 34.34 -4.03 17.25
CA GLY B 8 34.57 -3.29 16.02
C GLY B 8 33.21 -2.95 15.43
N LEU B 9 33.14 -1.87 14.65
CA LEU B 9 31.90 -1.44 14.05
C LEU B 9 32.06 -1.43 12.54
N ILE B 10 31.13 -2.08 11.85
CA ILE B 10 31.23 -2.19 10.40
C ILE B 10 29.96 -1.89 9.62
N THR B 11 30.13 -1.85 8.30
CA THR B 11 29.04 -1.59 7.36
C THR B 11 29.00 -2.79 6.41
N VAL B 12 27.80 -3.36 6.25
CA VAL B 12 27.61 -4.53 5.41
C VAL B 12 26.41 -4.42 4.47
N ARG B 13 26.64 -4.62 3.18
CA ARG B 13 25.53 -4.63 2.23
C ARG B 13 25.80 -5.42 0.97
N THR B 14 24.73 -5.90 0.36
CA THR B 14 24.83 -6.69 -0.83
C THR B 14 23.57 -6.57 -1.67
N ASN B 15 23.76 -6.68 -2.97
CA ASN B 15 22.67 -6.60 -3.93
C ASN B 15 22.48 -8.01 -4.48
N GLU B 16 23.24 -8.95 -3.96
CA GLU B 16 23.15 -10.33 -4.38
C GLU B 16 21.71 -10.83 -4.24
N PRO B 17 21.28 -11.69 -5.17
CA PRO B 17 19.93 -12.26 -5.18
C PRO B 17 19.60 -12.97 -3.87
N LEU B 18 20.58 -13.68 -3.33
CA LEU B 18 20.37 -14.42 -2.08
C LEU B 18 20.39 -13.46 -0.91
N GLY B 19 20.81 -12.22 -1.20
CA GLY B 19 20.87 -11.18 -0.20
C GLY B 19 21.33 -11.52 1.20
N VAL B 20 20.38 -11.50 2.13
CA VAL B 20 20.70 -11.78 3.53
C VAL B 20 21.37 -13.15 3.74
N GLU B 21 21.04 -14.14 2.92
CA GLU B 21 21.65 -15.45 3.08
C GLU B 21 23.11 -15.40 2.64
N LYS B 22 23.42 -14.48 1.72
CA LYS B 22 24.80 -14.31 1.25
C LYS B 22 25.61 -13.62 2.33
N ILE B 23 24.97 -12.71 3.05
CA ILE B 23 25.63 -11.99 4.14
C ILE B 23 26.03 -12.99 5.23
N LYS B 24 25.14 -13.93 5.55
CA LYS B 24 25.43 -14.93 6.59
C LYS B 24 26.58 -15.87 6.19
N GLU B 25 26.60 -16.24 4.92
CA GLU B 25 27.64 -17.12 4.38
C GLU B 25 29.04 -16.49 4.52
N VAL B 26 29.13 -15.21 4.20
CA VAL B 26 30.41 -14.52 4.28
C VAL B 26 30.91 -14.46 5.72
N ILE B 27 30.02 -14.07 6.63
CA ILE B 27 30.38 -13.96 8.03
C ILE B 27 30.81 -15.28 8.65
N SER B 28 30.05 -16.34 8.46
CA SER B 28 30.46 -17.61 9.07
C SER B 28 31.78 -18.11 8.48
N LYS B 29 32.01 -17.83 7.21
CA LYS B 29 33.25 -18.24 6.57
C LYS B 29 34.41 -17.46 7.20
N ALA B 30 34.15 -16.22 7.62
CA ALA B 30 35.19 -15.39 8.22
C ALA B 30 35.46 -15.80 9.66
N LEU B 31 34.50 -16.47 10.28
CA LEU B 31 34.64 -16.92 11.66
C LEU B 31 35.21 -18.34 11.78
N GLU B 32 35.12 -19.12 10.71
CA GLU B 32 35.59 -20.50 10.74
C GLU B 32 36.98 -20.70 11.32
N ASN B 33 37.07 -21.58 12.32
CA ASN B 33 38.33 -21.92 12.96
C ASN B 33 39.07 -20.74 13.62
N ILE B 34 38.38 -19.66 13.94
CA ILE B 34 39.04 -18.52 14.57
C ILE B 34 39.59 -18.92 15.94
N GLU B 35 38.98 -19.91 16.57
CA GLU B 35 39.40 -20.36 17.90
C GLU B 35 40.71 -21.12 17.88
N GLN B 36 40.95 -21.81 16.78
CA GLN B 36 42.16 -22.58 16.63
C GLN B 36 43.34 -21.66 16.40
N ASP B 37 43.08 -20.45 15.92
CA ASP B 37 44.14 -19.47 15.71
C ASP B 37 44.42 -18.72 17.02
N TYR B 38 43.37 -18.40 17.77
CA TYR B 38 43.52 -17.67 19.03
C TYR B 38 42.87 -18.48 20.15
N GLU B 39 43.69 -19.29 20.82
CA GLU B 39 43.25 -20.18 21.88
C GLU B 39 42.70 -19.52 23.15
N SER B 40 42.92 -18.23 23.29
CA SER B 40 42.46 -17.50 24.48
C SER B 40 41.04 -16.95 24.37
N LEU B 41 40.42 -17.10 23.20
CA LEU B 41 39.07 -16.59 22.97
C LEU B 41 38.01 -17.39 23.73
N LEU B 42 36.97 -16.70 24.20
CA LEU B 42 35.88 -17.37 24.90
C LEU B 42 34.63 -17.38 24.01
N ASN B 43 34.36 -16.23 23.36
CA ASN B 43 33.22 -16.13 22.46
C ASN B 43 33.25 -14.86 21.61
N ILE B 44 32.46 -14.91 20.55
CA ILE B 44 32.36 -13.82 19.61
C ILE B 44 30.90 -13.64 19.24
N LYS B 45 30.50 -12.39 19.05
CA LYS B 45 29.14 -12.08 18.66
C LYS B 45 29.17 -11.06 17.54
N ILE B 46 28.41 -11.32 16.49
CA ILE B 46 28.30 -10.38 15.40
C ILE B 46 26.79 -10.17 15.26
N TYR B 47 26.37 -8.92 15.33
CA TYR B 47 24.95 -8.62 15.25
C TYR B 47 24.71 -7.25 14.62
N THR B 48 23.48 -7.02 14.21
CA THR B 48 23.11 -5.76 13.61
C THR B 48 22.70 -4.80 14.71
N ILE B 49 22.99 -3.51 14.50
CA ILE B 49 22.59 -2.48 15.43
C ILE B 49 21.84 -1.46 14.60
N GLY B 50 21.31 -1.93 13.47
CA GLY B 50 20.57 -1.10 12.53
C GLY B 50 21.28 -1.17 11.20
N ALA B 51 20.93 -2.16 10.37
CA ALA B 51 21.58 -2.34 9.06
C ALA B 51 21.64 -1.04 8.29
N PRO B 52 22.71 -0.83 7.51
CA PRO B 52 23.88 -1.69 7.25
C PRO B 52 24.95 -1.81 8.33
N ARG B 53 24.68 -1.34 9.55
CA ARG B 53 25.69 -1.39 10.60
C ARG B 53 25.60 -2.58 11.53
N TYR B 54 26.75 -3.22 11.73
CA TYR B 54 26.86 -4.38 12.60
C TYR B 54 28.04 -4.18 13.55
N ARG B 55 27.98 -4.88 14.66
CA ARG B 55 29.02 -4.82 15.68
C ARG B 55 29.63 -6.21 15.83
N VAL B 56 30.95 -6.26 16.00
CA VAL B 56 31.69 -7.50 16.20
C VAL B 56 32.39 -7.36 17.55
N ASP B 57 31.96 -8.19 18.50
CA ASP B 57 32.50 -8.18 19.85
C ASP B 57 33.27 -9.45 20.07
N VAL B 58 34.56 -9.30 20.34
CA VAL B 58 35.40 -10.45 20.60
C VAL B 58 35.74 -10.50 22.10
N VAL B 59 35.42 -11.62 22.74
CA VAL B 59 35.69 -11.77 24.16
C VAL B 59 36.72 -12.88 24.43
N GLY B 60 37.72 -12.59 25.26
CA GLY B 60 38.75 -13.57 25.58
C GLY B 60 39.51 -13.27 26.85
N THR B 61 40.58 -14.04 27.11
CA THR B 61 41.40 -13.86 28.32
C THR B 61 42.74 -13.20 28.01
N ASN B 62 43.00 -12.91 26.75
CA ASN B 62 44.24 -12.26 26.38
C ASN B 62 43.97 -11.06 25.50
N PRO B 63 44.22 -9.85 26.03
CA PRO B 63 44.01 -8.59 25.32
C PRO B 63 44.59 -8.58 23.90
N LYS B 64 45.84 -9.03 23.78
CA LYS B 64 46.49 -9.05 22.48
C LYS B 64 45.84 -10.01 21.49
N GLU B 65 45.57 -11.24 21.93
CA GLU B 65 44.94 -12.22 21.06
C GLU B 65 43.56 -11.76 20.62
N ALA B 66 42.82 -11.11 21.53
CA ALA B 66 41.48 -10.62 21.21
C ALA B 66 41.50 -9.57 20.10
N SER B 67 42.35 -8.57 20.23
CA SER B 67 42.40 -7.54 19.19
C SER B 67 42.97 -8.10 17.89
N GLU B 68 43.82 -9.12 17.97
CA GLU B 68 44.36 -9.72 16.74
C GLU B 68 43.24 -10.49 16.05
N ALA B 69 42.44 -11.19 16.86
CA ALA B 69 41.34 -11.97 16.32
C ALA B 69 40.32 -11.03 15.72
N LEU B 70 40.06 -9.91 16.39
CA LEU B 70 39.10 -8.95 15.87
C LEU B 70 39.56 -8.50 14.48
N ASN B 71 40.83 -8.17 14.37
CA ASN B 71 41.38 -7.72 13.10
C ASN B 71 41.39 -8.79 12.03
N GLN B 72 41.62 -10.04 12.41
CA GLN B 72 41.62 -11.10 11.42
C GLN B 72 40.20 -11.36 10.91
N ILE B 73 39.21 -11.22 11.79
CA ILE B 73 37.82 -11.41 11.44
C ILE B 73 37.43 -10.32 10.45
N ILE B 74 37.76 -9.08 10.79
CA ILE B 74 37.45 -7.96 9.92
C ILE B 74 38.15 -8.08 8.57
N SER B 75 39.39 -8.55 8.60
CA SER B 75 40.16 -8.72 7.37
C SER B 75 39.49 -9.80 6.50
N ASN B 76 39.08 -10.90 7.14
CA ASN B 76 38.41 -12.00 6.46
C ASN B 76 37.06 -11.56 5.86
N LEU B 77 36.35 -10.72 6.59
CA LEU B 77 35.05 -10.22 6.15
C LEU B 77 35.15 -9.40 4.86
N ILE B 78 36.06 -8.43 4.87
CA ILE B 78 36.26 -7.57 3.71
C ILE B 78 36.70 -8.39 2.48
N LYS B 79 37.77 -9.15 2.65
CA LYS B 79 38.31 -9.98 1.58
C LYS B 79 37.31 -10.98 1.01
N ILE B 80 36.69 -11.78 1.89
CA ILE B 80 35.71 -12.78 1.46
C ILE B 80 34.45 -12.11 0.90
N GLY B 81 34.13 -10.93 1.42
CA GLY B 81 32.97 -10.22 0.95
C GLY B 81 33.14 -9.76 -0.47
N LYS B 82 34.34 -9.28 -0.79
CA LYS B 82 34.64 -8.82 -2.14
C LYS B 82 34.46 -9.99 -3.08
N GLU B 83 34.74 -11.19 -2.59
CA GLU B 83 34.60 -12.40 -3.39
C GLU B 83 33.15 -12.70 -3.71
N GLU B 84 32.29 -12.55 -2.72
CA GLU B 84 30.87 -12.87 -2.88
C GLU B 84 30.00 -11.64 -3.10
N ASN B 85 30.60 -10.55 -3.56
CA ASN B 85 29.86 -9.33 -3.80
C ASN B 85 29.07 -8.85 -2.58
N VAL B 86 29.75 -8.83 -1.43
CA VAL B 86 29.17 -8.32 -0.19
C VAL B 86 30.15 -7.21 0.21
N ASP B 87 29.68 -5.97 0.13
CA ASP B 87 30.49 -4.78 0.43
C ASP B 87 30.59 -4.58 1.93
N ILE B 88 31.79 -4.77 2.47
CA ILE B 88 32.00 -4.62 3.91
C ILE B 88 33.16 -3.66 4.21
N SER B 89 32.93 -2.69 5.10
CA SER B 89 34.00 -1.77 5.43
C SER B 89 33.87 -1.34 6.88
N VAL B 90 34.96 -0.81 7.43
CA VAL B 90 35.00 -0.35 8.82
C VAL B 90 34.50 1.09 8.94
N VAL B 91 33.73 1.35 9.99
CA VAL B 91 33.21 2.68 10.23
C VAL B 91 34.12 3.40 11.24
N LYS B 92 34.45 4.66 10.95
CA LYS B 92 35.33 5.47 11.81
C LYS B 92 34.60 6.06 13.01
N SER C 1 -33.24 1.52 -4.79
CA SER C 1 -32.71 2.78 -5.41
C SER C 1 -33.85 3.73 -5.74
N SER C 2 -35.02 3.46 -5.16
CA SER C 2 -36.18 4.31 -5.38
C SER C 2 -36.35 5.15 -4.11
N GLU C 3 -37.16 6.20 -4.17
CA GLU C 3 -37.35 7.04 -2.99
C GLU C 3 -38.02 6.23 -1.88
N LYS C 4 -39.06 5.51 -2.27
CA LYS C 4 -39.81 4.68 -1.35
C LYS C 4 -38.85 3.68 -0.70
N GLU C 5 -37.90 3.22 -1.50
CA GLU C 5 -36.88 2.27 -1.05
C GLU C 5 -36.01 2.96 -0.01
N TYR C 6 -35.55 4.16 -0.33
CA TYR C 6 -34.72 4.95 0.55
C TYR C 6 -35.47 5.28 1.85
N VAL C 7 -36.73 5.69 1.70
CA VAL C 7 -37.57 6.06 2.84
C VAL C 7 -37.76 4.92 3.85
N GLU C 8 -38.01 3.72 3.35
CA GLU C 8 -38.21 2.61 4.26
C GLU C 8 -36.97 2.41 5.12
N MET C 9 -35.79 2.52 4.50
CA MET C 9 -34.54 2.34 5.22
C MET C 9 -34.40 3.47 6.23
N LEU C 10 -34.85 4.66 5.83
CA LEU C 10 -34.79 5.84 6.69
C LEU C 10 -35.68 5.67 7.92
N ASP C 11 -36.84 5.04 7.76
CA ASP C 11 -37.74 4.81 8.90
C ASP C 11 -37.14 3.79 9.85
N ARG C 12 -36.48 2.78 9.28
CA ARG C 12 -35.84 1.72 10.04
C ARG C 12 -34.75 2.34 10.92
N LEU C 13 -34.08 3.37 10.41
CA LEU C 13 -33.02 4.04 11.16
C LEU C 13 -33.55 4.74 12.40
N TYR C 14 -34.48 5.68 12.20
CA TYR C 14 -35.05 6.42 13.32
C TYR C 14 -35.73 5.51 14.34
N SER C 15 -36.22 4.36 13.88
CA SER C 15 -36.89 3.42 14.77
C SER C 15 -35.94 2.71 15.72
N LYS C 16 -34.64 2.92 15.55
CA LYS C 16 -33.65 2.29 16.41
C LYS C 16 -32.82 3.32 17.15
N LEU C 17 -32.94 4.58 16.75
CA LEU C 17 -32.20 5.64 17.40
C LEU C 17 -32.69 5.73 18.85
N PRO C 18 -31.75 5.87 19.80
CA PRO C 18 -32.11 5.96 21.23
C PRO C 18 -32.93 7.20 21.55
MG MG D . -10.71 10.28 9.42
PB GDP E . -13.85 11.64 8.79
O1B GDP E . -13.33 12.91 9.32
O2B GDP E . -14.67 11.66 7.53
O3B GDP E . -12.83 10.59 8.31
O3A GDP E . -15.02 11.04 9.89
PA GDP E . -14.70 10.83 11.49
O1A GDP E . -15.06 9.40 11.55
O2A GDP E . -13.40 11.20 12.10
O5' GDP E . -15.98 11.62 12.05
C5' GDP E . -16.08 13.04 12.15
C4' GDP E . -16.88 13.39 13.41
O4' GDP E . -18.32 13.10 13.38
C3' GDP E . -16.42 12.65 14.72
O3' GDP E . -16.48 13.68 15.74
C2' GDP E . -17.50 11.57 15.00
O2' GDP E . -17.75 11.36 16.38
C1' GDP E . -18.72 12.10 14.30
N9 GDP E . -19.51 11.02 13.57
C8 GDP E . -19.14 9.98 12.75
N7 GDP E . -20.15 9.27 12.33
C5 GDP E . -21.27 9.86 12.90
C6 GDP E . -22.68 9.55 12.82
O6 GDP E . -23.23 8.63 12.19
N1 GDP E . -23.48 10.46 13.59
C2 GDP E . -22.99 11.53 14.32
N2 GDP E . -23.89 12.25 14.97
N3 GDP E . -21.67 11.83 14.40
C4 GDP E . -20.90 10.96 13.67
#